data_3UQ8
#
_entry.id   3UQ8
#
_cell.length_a   70.233
_cell.length_b   70.233
_cell.length_c   161.286
_cell.angle_alpha   90.000
_cell.angle_beta   90.000
_cell.angle_gamma   90.000
#
_symmetry.space_group_name_H-M   'P 43 21 2'
#
loop_
_entity.id
_entity.type
_entity.pdbx_description
1 polymer 'DNA ligase'
2 non-polymer NICOTINAMIDE-ADENINE-DINUCLEOTIDE
3 non-polymer 'ADENOSINE MONOPHOSPHATE'
4 water water
#
_entity_poly.entity_id   1
_entity_poly.type   'polypeptide(L)'
_entity_poly.pdbx_seq_one_letter_code
;NIQTQLDNLRKTLRQYEYEYHVLDNPSVPDSEYDRLFHQLKALELEHPEFLTSDSPTQRVGAKPLSGFSQIRHEIPMLSL
DNAFSDAEFNAFVARIEDRLILLPAPLTFCCEPKLDGLAVSILYVNGELTQAATRGDGTTGEDITANIRTIRNVPLQLLT
DNPPARLEVRGEVFMPHAGFERLNKYALEHNEKTFANPRNAAAGSLRQLDPNITSKRPLVLNAYGIGIAEGVDLPTTHYA
RLQWLKSIGIPVNPEIRLCNGADEVLGFYRDIQNKRSSLGYDIDGTVLKINDIALQNELGFISKAPRWAIAYKFPAQEEL
TL
;
_entity_poly.pdbx_strand_id   A
#
# COMPACT_ATOMS: atom_id res chain seq x y z
N ASN A 1 15.68 -28.20 17.87
CA ASN A 1 14.85 -29.12 17.03
C ASN A 1 14.60 -28.57 15.59
N ILE A 2 14.14 -29.44 14.69
CA ILE A 2 13.99 -29.06 13.27
C ILE A 2 13.01 -27.89 13.11
N GLN A 3 11.90 -27.96 13.81
CA GLN A 3 10.89 -26.91 13.75
C GLN A 3 11.46 -25.54 14.10
N THR A 4 12.26 -25.46 15.16
CA THR A 4 12.87 -24.19 15.58
C THR A 4 13.90 -23.68 14.56
N GLN A 5 14.67 -24.61 13.96
CA GLN A 5 15.63 -24.24 12.97
C GLN A 5 14.87 -23.63 11.79
N LEU A 6 13.77 -24.29 11.38
CA LEU A 6 12.95 -23.81 10.26
C LEU A 6 12.46 -22.40 10.57
N ASP A 7 11.89 -22.21 11.74
CA ASP A 7 11.39 -20.89 12.10
C ASP A 7 12.48 -19.80 12.16
N ASN A 8 13.71 -20.19 12.59
CA ASN A 8 14.81 -19.23 12.59
C ASN A 8 15.20 -18.84 11.18
N LEU A 9 15.18 -19.78 10.22
CA LEU A 9 15.51 -19.41 8.82
C LEU A 9 14.39 -18.49 8.30
N ARG A 10 13.14 -18.81 8.63
CA ARG A 10 12.00 -17.99 8.10
C ARG A 10 12.06 -16.58 8.69
N LYS A 11 12.42 -16.47 9.99
CA LYS A 11 12.52 -15.19 10.58
C LYS A 11 13.61 -14.33 9.97
N THR A 12 14.76 -14.97 9.66
CA THR A 12 15.85 -14.32 9.03
C THR A 12 15.43 -13.80 7.64
N LEU A 13 14.75 -14.64 6.86
CA LEU A 13 14.25 -14.18 5.54
C LEU A 13 13.33 -12.98 5.64
N ARG A 14 12.40 -13.01 6.58
CA ARG A 14 11.43 -11.92 6.80
C ARG A 14 12.14 -10.61 7.20
N GLN A 15 13.24 -10.69 7.98
CA GLN A 15 14.05 -9.52 8.27
C GLN A 15 14.76 -8.95 7.04
N TYR A 16 15.34 -9.80 6.19
CA TYR A 16 15.95 -9.33 4.97
C TYR A 16 14.89 -8.72 4.04
N GLU A 17 13.70 -9.38 3.93
CA GLU A 17 12.60 -8.81 3.14
C GLU A 17 12.18 -7.42 3.63
N TYR A 18 12.09 -7.26 4.94
CA TYR A 18 11.82 -5.93 5.54
C TYR A 18 12.90 -4.91 5.17
N GLU A 19 14.19 -5.28 5.37
CA GLU A 19 15.29 -4.36 5.07
C GLU A 19 15.31 -3.98 3.61
N TYR A 20 15.06 -4.95 2.70
CA TYR A 20 15.23 -4.69 1.32
C TYR A 20 13.99 -3.91 0.78
N HIS A 21 12.79 -4.35 1.16
CA HIS A 21 11.55 -3.80 0.52
C HIS A 21 11.04 -2.64 1.31
N VAL A 22 11.22 -2.62 2.62
CA VAL A 22 10.55 -1.60 3.45
C VAL A 22 11.53 -0.47 3.80
N LEU A 23 12.73 -0.86 4.29
CA LEU A 23 13.72 0.12 4.66
C LEU A 23 14.54 0.61 3.49
N ASP A 24 14.51 -0.11 2.35
CA ASP A 24 15.40 0.09 1.22
C ASP A 24 16.86 0.19 1.66
N ASN A 25 17.26 -0.71 2.58
CA ASN A 25 18.64 -0.65 3.16
C ASN A 25 18.97 -2.10 3.65
N PRO A 26 19.23 -2.97 2.67
CA PRO A 26 19.49 -4.40 2.94
C PRO A 26 20.80 -4.54 3.72
N SER A 27 20.82 -5.50 4.63
CA SER A 27 22.01 -5.73 5.40
C SER A 27 22.87 -6.77 4.73
N VAL A 28 22.35 -7.54 3.77
CA VAL A 28 23.16 -8.62 3.12
C VAL A 28 22.92 -8.48 1.64
N PRO A 29 23.84 -8.96 0.79
CA PRO A 29 23.78 -9.02 -0.63
C PRO A 29 22.56 -9.87 -1.07
N ASP A 30 22.01 -9.51 -2.22
CA ASP A 30 20.95 -10.34 -2.81
C ASP A 30 21.35 -11.82 -2.82
N SER A 31 22.61 -12.14 -3.17
CA SER A 31 23.01 -13.54 -3.29
C SER A 31 22.77 -14.29 -1.97
N GLU A 32 22.88 -13.59 -0.84
CA GLU A 32 22.70 -14.24 0.50
C GLU A 32 21.21 -14.54 0.76
N TYR A 33 20.38 -13.58 0.41
CA TYR A 33 18.93 -13.77 0.51
C TYR A 33 18.51 -14.92 -0.40
N ASP A 34 18.99 -14.92 -1.65
CA ASP A 34 18.69 -16.01 -2.59
C ASP A 34 19.09 -17.39 -2.10
N ARG A 35 20.30 -17.55 -1.60
CA ARG A 35 20.71 -18.85 -1.15
C ARG A 35 19.94 -19.23 0.12
N LEU A 36 19.67 -18.27 1.02
CA LEU A 36 18.88 -18.65 2.21
C LEU A 36 17.45 -19.06 1.85
N PHE A 37 16.85 -18.39 0.85
CA PHE A 37 15.50 -18.81 0.32
C PHE A 37 15.59 -20.26 -0.19
N HIS A 38 16.63 -20.57 -0.93
CA HIS A 38 16.87 -21.97 -1.39
C HIS A 38 17.05 -22.94 -0.23
N GLN A 39 17.79 -22.53 0.79
CA GLN A 39 18.07 -23.44 1.91
C GLN A 39 16.82 -23.76 2.70
N LEU A 40 16.01 -22.72 2.93
CA LEU A 40 14.70 -22.91 3.60
C LEU A 40 13.85 -23.86 2.78
N LYS A 41 13.77 -23.62 1.45
CA LYS A 41 12.91 -24.47 0.60
C LYS A 41 13.37 -25.93 0.67
N ALA A 42 14.70 -26.16 0.66
CA ALA A 42 15.21 -27.54 0.71
C ALA A 42 14.83 -28.22 2.02
N LEU A 43 14.93 -27.46 3.11
CA LEU A 43 14.65 -28.05 4.45
C LEU A 43 13.13 -28.32 4.55
N GLU A 44 12.30 -27.42 3.98
CA GLU A 44 10.83 -27.66 4.02
C GLU A 44 10.46 -28.87 3.19
N LEU A 45 11.22 -29.10 2.12
CA LEU A 45 10.93 -30.25 1.26
C LEU A 45 11.32 -31.54 1.97
N GLU A 46 12.36 -31.48 2.78
CA GLU A 46 12.75 -32.61 3.62
C GLU A 46 11.79 -32.85 4.79
N HIS A 47 11.14 -31.80 5.28
CA HIS A 47 10.19 -31.93 6.41
C HIS A 47 8.84 -31.28 6.13
N PRO A 48 8.06 -31.84 5.18
CA PRO A 48 6.84 -31.09 4.72
C PRO A 48 5.78 -30.95 5.79
N GLU A 49 5.77 -31.83 6.79
CA GLU A 49 4.86 -31.69 7.91
C GLU A 49 5.10 -30.38 8.70
N PHE A 50 6.25 -29.76 8.53
CA PHE A 50 6.52 -28.46 9.15
C PHE A 50 6.35 -27.24 8.22
N LEU A 51 5.68 -27.42 7.08
CA LEU A 51 5.38 -26.26 6.21
C LEU A 51 4.38 -25.36 6.93
N THR A 52 4.57 -24.03 6.87
CA THR A 52 3.63 -23.09 7.46
C THR A 52 3.03 -22.26 6.36
N SER A 53 1.80 -21.82 6.55
CA SER A 53 1.10 -21.11 5.50
C SER A 53 1.64 -19.68 5.24
N ASP A 54 2.43 -19.12 6.15
CA ASP A 54 3.00 -17.80 6.00
C ASP A 54 4.50 -17.91 5.83
N SER A 55 4.98 -19.09 5.43
CA SER A 55 6.41 -19.16 5.16
C SER A 55 6.77 -18.31 3.94
N PRO A 56 8.02 -17.74 3.88
CA PRO A 56 8.39 -17.02 2.63
C PRO A 56 8.23 -17.80 1.31
N THR A 57 8.24 -19.14 1.35
CA THR A 57 8.12 -19.97 0.14
C THR A 57 6.71 -20.22 -0.32
N GLN A 58 5.72 -19.65 0.39
CA GLN A 58 4.33 -19.97 0.17
C GLN A 58 3.51 -18.80 -0.39
N ARG A 59 4.17 -17.87 -1.09
CA ARG A 59 3.40 -16.69 -1.65
C ARG A 59 2.44 -17.08 -2.82
N VAL A 60 2.76 -18.14 -3.55
CA VAL A 60 2.08 -18.36 -4.88
C VAL A 60 1.17 -19.58 -4.88
N GLY A 61 -0.15 -19.35 -4.94
CA GLY A 61 -1.11 -20.44 -5.01
C GLY A 61 -0.82 -21.32 -6.20
N ALA A 62 -1.09 -22.62 -6.05
CA ALA A 62 -0.72 -23.55 -7.10
C ALA A 62 -1.73 -23.46 -8.30
N LYS A 63 -3.01 -23.09 -8.08
CA LYS A 63 -3.98 -23.19 -9.17
C LYS A 63 -4.70 -21.85 -9.35
N PRO A 64 -5.15 -21.57 -10.59
CA PRO A 64 -5.97 -20.36 -10.86
C PRO A 64 -7.32 -20.43 -10.12
N LEU A 65 -7.86 -19.29 -9.71
CA LEU A 65 -9.19 -19.18 -9.17
C LEU A 65 -10.19 -19.36 -10.37
N SER A 66 -11.43 -19.81 -10.09
CA SER A 66 -12.47 -19.85 -11.19
C SER A 66 -13.03 -18.45 -11.45
N GLY A 67 -12.96 -17.57 -10.44
CA GLY A 67 -13.48 -16.19 -10.51
C GLY A 67 -13.25 -15.52 -9.18
N PHE A 68 -13.53 -14.21 -9.09
CA PHE A 68 -13.33 -13.48 -7.81
C PHE A 68 -14.63 -13.41 -7.09
N SER A 69 -14.60 -13.74 -5.82
CA SER A 69 -15.78 -13.63 -4.94
C SER A 69 -15.93 -12.20 -4.48
N GLN A 70 -17.17 -11.75 -4.32
CA GLN A 70 -17.50 -10.43 -3.76
C GLN A 70 -17.18 -10.42 -2.32
N ILE A 71 -16.70 -9.27 -1.81
CA ILE A 71 -16.37 -9.05 -0.40
C ILE A 71 -17.08 -7.76 0.02
N ARG A 72 -17.74 -7.79 1.19
CA ARG A 72 -18.30 -6.57 1.72
C ARG A 72 -17.35 -6.13 2.83
N HIS A 73 -16.73 -4.95 2.74
CA HIS A 73 -15.82 -4.53 3.84
C HIS A 73 -16.55 -4.46 5.17
N GLU A 74 -15.91 -4.94 6.23
CA GLU A 74 -16.58 -4.85 7.53
C GLU A 74 -16.82 -3.41 7.98
N ILE A 75 -15.88 -2.51 7.68
CA ILE A 75 -16.04 -1.11 7.98
C ILE A 75 -15.93 -0.39 6.64
N PRO A 76 -17.02 0.18 6.16
CA PRO A 76 -16.92 0.83 4.88
C PRO A 76 -15.95 2.01 4.88
N MET A 77 -15.43 2.34 3.69
CA MET A 77 -14.46 3.43 3.57
C MET A 77 -15.14 4.67 3.03
N LEU A 78 -14.72 5.82 3.52
CA LEU A 78 -15.18 7.07 2.94
C LEU A 78 -14.69 7.22 1.46
N SER A 79 -15.37 8.09 0.72
CA SER A 79 -14.93 8.48 -0.62
C SER A 79 -14.06 9.74 -0.43
N LEU A 80 -13.30 10.10 -1.44
CA LEU A 80 -12.28 11.16 -1.34
C LEU A 80 -12.67 12.22 -2.36
N ASP A 81 -12.88 13.46 -1.94
CA ASP A 81 -13.16 14.53 -2.91
C ASP A 81 -11.85 15.03 -3.53
N ASN A 82 -12.00 15.67 -4.70
CA ASN A 82 -10.86 16.15 -5.50
C ASN A 82 -10.78 17.65 -5.55
N ALA A 83 -9.57 18.17 -5.58
CA ALA A 83 -9.34 19.61 -5.93
C ALA A 83 -8.47 19.60 -7.19
N PHE A 84 -8.74 20.58 -8.05
CA PHE A 84 -7.92 20.73 -9.23
C PHE A 84 -7.23 22.09 -9.31
N SER A 85 -7.39 22.98 -8.34
CA SER A 85 -6.67 24.25 -8.42
C SER A 85 -6.20 24.72 -7.04
N ASP A 86 -5.32 25.71 -7.00
CA ASP A 86 -4.87 26.25 -5.70
C ASP A 86 -6.06 26.90 -4.97
N ALA A 87 -6.95 27.55 -5.74
CA ALA A 87 -8.16 28.12 -5.12
C ALA A 87 -9.04 27.04 -4.48
N GLU A 88 -9.22 25.89 -5.13
CA GLU A 88 -9.97 24.80 -4.52
C GLU A 88 -9.30 24.28 -3.24
N PHE A 89 -7.99 24.04 -3.31
CA PHE A 89 -7.30 23.63 -2.11
C PHE A 89 -7.46 24.64 -0.96
N ASN A 90 -7.30 25.93 -1.26
CA ASN A 90 -7.33 26.94 -0.16
C ASN A 90 -8.73 27.05 0.42
N ALA A 91 -9.75 26.83 -0.42
CA ALA A 91 -11.16 26.79 0.03
C ALA A 91 -11.37 25.61 1.03
N PHE A 92 -10.79 24.44 0.70
CA PHE A 92 -10.85 23.26 1.54
C PHE A 92 -10.18 23.58 2.89
N VAL A 93 -8.98 24.22 2.91
CA VAL A 93 -8.32 24.62 4.20
C VAL A 93 -9.21 25.59 4.98
N ALA A 94 -9.81 26.53 4.25
CA ALA A 94 -10.61 27.56 4.91
C ALA A 94 -11.86 26.99 5.59
N ARG A 95 -12.45 25.96 4.98
CA ARG A 95 -13.64 25.31 5.56
C ARG A 95 -13.23 24.63 6.85
N ILE A 96 -12.04 24.04 6.88
CA ILE A 96 -11.54 23.44 8.15
C ILE A 96 -11.39 24.55 9.21
N GLU A 97 -10.73 25.65 8.84
CA GLU A 97 -10.47 26.78 9.75
C GLU A 97 -11.78 27.34 10.31
N ASP A 98 -12.81 27.28 9.49
CA ASP A 98 -14.07 27.87 9.87
C ASP A 98 -14.88 26.95 10.73
N ARG A 99 -14.55 25.66 10.70
CA ARG A 99 -15.35 24.64 11.43
C ARG A 99 -14.72 24.20 12.79
N LEU A 100 -13.38 24.10 12.88
CA LEU A 100 -12.73 23.60 14.09
C LEU A 100 -13.01 24.52 15.27
N ILE A 101 -13.25 23.93 16.45
CA ILE A 101 -13.48 24.75 17.66
C ILE A 101 -12.20 25.43 18.14
N LEU A 102 -11.10 24.66 18.18
CA LEU A 102 -9.80 25.19 18.58
C LEU A 102 -8.82 24.91 17.43
N LEU A 103 -8.48 25.94 16.67
CA LEU A 103 -7.70 25.81 15.45
C LEU A 103 -6.26 25.90 15.90
N PRO A 104 -5.45 24.81 15.78
CA PRO A 104 -4.04 24.95 16.21
C PRO A 104 -3.21 25.81 15.26
N ALA A 105 -2.13 26.36 15.80
CA ALA A 105 -1.25 27.26 15.03
C ALA A 105 0.16 26.65 15.26
N PRO A 106 0.75 25.97 14.22
CA PRO A 106 0.17 25.78 12.87
C PRO A 106 -0.81 24.55 12.78
N LEU A 107 -1.47 24.45 11.62
CA LEU A 107 -2.38 23.37 11.31
C LEU A 107 -1.55 22.41 10.47
N THR A 108 -1.26 21.24 11.02
CA THR A 108 -0.36 20.32 10.36
C THR A 108 -1.10 19.33 9.51
N PHE A 109 -0.58 19.13 8.30
CA PHE A 109 -1.12 18.12 7.41
C PHE A 109 -0.13 17.05 7.18
N CYS A 110 -0.62 15.82 7.10
CA CYS A 110 0.20 14.75 6.56
C CYS A 110 -0.08 14.66 5.06
N CYS A 111 0.97 14.85 4.26
CA CYS A 111 0.81 15.00 2.81
C CYS A 111 1.44 13.84 2.09
N GLU A 112 0.67 13.22 1.20
CA GLU A 112 1.12 11.98 0.58
C GLU A 112 0.99 12.08 -0.94
N PRO A 113 1.88 11.39 -1.68
CA PRO A 113 1.68 11.12 -3.07
C PRO A 113 0.51 10.14 -3.21
N LYS A 114 -0.32 10.38 -4.23
CA LYS A 114 -1.45 9.53 -4.50
C LYS A 114 -0.94 8.57 -5.61
N LEU A 115 -0.71 7.30 -5.28
CA LEU A 115 -0.08 6.34 -6.20
C LEU A 115 -1.06 6.00 -7.31
N ASP A 116 -0.59 6.03 -8.56
CA ASP A 116 -1.47 5.71 -9.68
C ASP A 116 -1.59 4.19 -9.86
N GLY A 117 -2.52 3.57 -9.13
CA GLY A 117 -2.62 2.09 -9.13
C GLY A 117 -4.05 1.62 -8.82
N LEU A 118 -4.19 0.59 -7.97
CA LEU A 118 -5.49 0.12 -7.57
C LEU A 118 -5.47 0.10 -6.04
N ALA A 119 -6.54 0.60 -5.42
CA ALA A 119 -6.60 0.68 -3.94
C ALA A 119 -7.07 -0.69 -3.41
N VAL A 120 -6.48 -1.08 -2.27
CA VAL A 120 -6.73 -2.42 -1.71
C VAL A 120 -6.75 -2.35 -0.24
N SER A 121 -7.22 -3.43 0.37
CA SER A 121 -7.32 -3.55 1.84
C SER A 121 -6.80 -4.91 2.24
N ILE A 122 -5.93 -4.98 3.27
CA ILE A 122 -5.32 -6.27 3.56
C ILE A 122 -5.49 -6.56 5.04
N LEU A 123 -6.03 -7.72 5.43
CA LEU A 123 -6.33 -7.98 6.85
C LEU A 123 -5.29 -8.95 7.46
N TYR A 124 -4.67 -8.55 8.59
CA TYR A 124 -3.74 -9.41 9.34
C TYR A 124 -4.46 -9.83 10.63
N VAL A 125 -4.48 -11.14 10.91
CA VAL A 125 -5.12 -11.64 12.14
C VAL A 125 -4.01 -12.21 13.01
N ASN A 126 -3.82 -11.66 14.22
CA ASN A 126 -2.68 -12.01 15.12
C ASN A 126 -1.38 -12.09 14.35
N GLY A 127 -1.17 -11.10 13.47
CA GLY A 127 0.04 -10.94 12.69
C GLY A 127 0.02 -11.61 11.31
N GLU A 128 -0.87 -12.55 11.10
CA GLU A 128 -0.84 -13.25 9.81
C GLU A 128 -1.81 -12.67 8.74
N LEU A 129 -1.32 -12.52 7.54
CA LEU A 129 -2.19 -12.06 6.42
C LEU A 129 -3.24 -13.13 6.17
N THR A 130 -4.52 -12.79 6.31
CA THR A 130 -5.58 -13.81 6.17
C THR A 130 -6.49 -13.58 4.98
N GLN A 131 -6.67 -12.32 4.59
CA GLN A 131 -7.50 -12.01 3.42
C GLN A 131 -7.18 -10.59 2.91
N ALA A 132 -7.37 -10.38 1.63
CA ALA A 132 -7.23 -9.03 1.09
C ALA A 132 -8.29 -8.82 0.06
N ALA A 133 -8.64 -7.57 -0.19
CA ALA A 133 -9.73 -7.27 -1.14
C ALA A 133 -9.38 -6.03 -1.91
N THR A 134 -9.98 -5.83 -3.09
CA THR A 134 -10.00 -4.48 -3.69
C THR A 134 -10.85 -3.55 -2.86
N ARG A 135 -10.47 -2.26 -2.87
CA ARG A 135 -11.32 -1.26 -2.24
C ARG A 135 -12.67 -1.28 -2.94
N GLY A 136 -12.66 -1.33 -4.26
CA GLY A 136 -13.96 -1.35 -4.98
C GLY A 136 -14.55 0.04 -4.89
N ASP A 137 -15.80 0.14 -4.39
CA ASP A 137 -16.42 1.45 -4.25
C ASP A 137 -16.35 1.93 -2.79
N GLY A 138 -15.59 1.22 -1.92
CA GLY A 138 -15.38 1.59 -0.52
C GLY A 138 -16.35 0.80 0.35
N THR A 139 -17.33 0.17 -0.31
CA THR A 139 -18.33 -0.66 0.43
C THR A 139 -18.23 -2.16 0.08
N THR A 140 -18.11 -2.46 -1.22
CA THR A 140 -17.96 -3.79 -1.72
C THR A 140 -16.75 -3.82 -2.68
N GLY A 141 -16.01 -4.93 -2.61
CA GLY A 141 -14.87 -5.17 -3.48
C GLY A 141 -14.81 -6.63 -3.86
N GLU A 142 -13.66 -7.08 -4.32
CA GLU A 142 -13.42 -8.46 -4.69
C GLU A 142 -12.30 -9.08 -3.92
N ASP A 143 -12.37 -10.40 -3.72
CA ASP A 143 -11.37 -11.06 -2.86
C ASP A 143 -10.16 -11.38 -3.72
N ILE A 144 -9.06 -10.70 -3.44
CA ILE A 144 -7.82 -10.82 -4.23
C ILE A 144 -6.67 -11.31 -3.31
N THR A 145 -7.03 -12.05 -2.30
CA THR A 145 -6.06 -12.54 -1.30
C THR A 145 -4.90 -13.25 -2.00
N ALA A 146 -5.21 -14.23 -2.86
CA ALA A 146 -4.13 -15.00 -3.52
C ALA A 146 -3.22 -14.09 -4.36
N ASN A 147 -3.77 -13.12 -5.07
CA ASN A 147 -2.91 -12.21 -5.81
C ASN A 147 -2.06 -11.32 -4.88
N ILE A 148 -2.66 -10.78 -3.84
CA ILE A 148 -1.95 -9.86 -2.93
C ILE A 148 -0.79 -10.65 -2.26
N ARG A 149 -1.03 -11.93 -1.92
CA ARG A 149 0.06 -12.72 -1.31
C ARG A 149 1.32 -12.80 -2.20
N THR A 150 1.15 -12.67 -3.50
CA THR A 150 2.35 -12.68 -4.39
C THR A 150 3.24 -11.47 -4.31
N ILE A 151 2.73 -10.32 -3.80
CA ILE A 151 3.42 -9.09 -3.93
C ILE A 151 4.67 -9.08 -2.99
N ARG A 152 5.86 -8.87 -3.59
CA ARG A 152 7.04 -9.11 -2.75
C ARG A 152 7.18 -8.21 -1.49
N ASN A 153 6.72 -6.97 -1.57
CA ASN A 153 6.84 -6.09 -0.40
C ASN A 153 5.67 -6.13 0.55
N VAL A 154 4.76 -7.07 0.30
CA VAL A 154 3.68 -7.30 1.26
C VAL A 154 4.02 -8.46 2.20
N PRO A 155 4.21 -8.16 3.49
CA PRO A 155 4.58 -9.27 4.40
C PRO A 155 3.43 -10.27 4.63
N LEU A 156 3.74 -11.55 4.72
CA LEU A 156 2.72 -12.54 5.05
C LEU A 156 2.49 -12.59 6.59
N GLN A 157 3.49 -12.10 7.31
CA GLN A 157 3.51 -12.05 8.77
C GLN A 157 4.07 -10.68 9.15
N LEU A 158 3.33 -9.96 10.01
CA LEU A 158 3.83 -8.66 10.51
C LEU A 158 5.15 -8.83 11.34
N LEU A 159 6.01 -7.85 11.22
CA LEU A 159 7.33 -7.83 11.87
C LEU A 159 7.15 -7.27 13.32
N THR A 160 6.68 -8.15 14.20
CA THR A 160 6.51 -7.81 15.59
C THR A 160 6.12 -9.07 16.34
N ASP A 161 6.61 -9.19 17.59
CA ASP A 161 6.15 -10.30 18.43
C ASP A 161 4.85 -10.01 19.11
N ASN A 162 4.35 -8.77 19.01
CA ASN A 162 3.07 -8.43 19.60
C ASN A 162 2.11 -7.79 18.62
N PRO A 163 1.69 -8.55 17.59
CA PRO A 163 0.85 -7.97 16.53
C PRO A 163 -0.56 -7.66 17.08
N PRO A 164 -1.28 -6.64 16.52
CA PRO A 164 -2.66 -6.47 16.90
C PRO A 164 -3.48 -7.77 16.73
N ALA A 165 -4.58 -7.89 17.49
CA ALA A 165 -5.49 -8.98 17.27
C ALA A 165 -5.97 -8.97 15.83
N ARG A 166 -6.33 -7.79 15.33
CA ARG A 166 -6.68 -7.73 13.87
C ARG A 166 -6.27 -6.36 13.35
N LEU A 167 -5.73 -6.28 12.13
CA LEU A 167 -5.24 -5.01 11.61
C LEU A 167 -5.56 -5.03 10.13
N GLU A 168 -6.33 -4.01 9.73
CA GLU A 168 -6.60 -3.82 8.31
C GLU A 168 -5.74 -2.71 7.72
N VAL A 169 -4.83 -3.08 6.81
CA VAL A 169 -3.90 -2.14 6.19
C VAL A 169 -4.55 -1.71 4.84
N ARG A 170 -4.70 -0.41 4.62
CA ARG A 170 -5.29 0.10 3.35
C ARG A 170 -4.15 0.75 2.53
N GLY A 171 -4.14 0.51 1.23
CA GLY A 171 -2.99 1.04 0.47
C GLY A 171 -3.36 1.04 -1.02
N GLU A 172 -2.35 1.40 -1.84
CA GLU A 172 -2.46 1.41 -3.28
C GLU A 172 -1.38 0.39 -3.79
N VAL A 173 -1.78 -0.45 -4.71
CA VAL A 173 -0.84 -1.32 -5.42
C VAL A 173 -0.61 -0.74 -6.80
N PHE A 174 0.67 -0.59 -7.11
CA PHE A 174 1.06 -0.01 -8.38
C PHE A 174 2.21 -0.80 -9.06
N MET A 175 2.56 -0.43 -10.30
CA MET A 175 3.62 -1.13 -11.03
C MET A 175 4.58 -0.04 -11.56
N PRO A 176 5.81 -0.05 -11.04
CA PRO A 176 6.80 0.94 -11.46
C PRO A 176 7.07 0.85 -12.96
N HIS A 177 7.59 1.95 -13.49
CA HIS A 177 7.83 2.03 -14.94
C HIS A 177 8.70 0.87 -15.51
N ALA A 178 9.80 0.52 -14.84
CA ALA A 178 10.65 -0.46 -15.46
C ALA A 178 9.95 -1.83 -15.64
N GLY A 179 9.25 -2.28 -14.59
CA GLY A 179 8.42 -3.46 -14.65
C GLY A 179 7.34 -3.38 -15.70
N PHE A 180 6.71 -2.22 -15.77
CA PHE A 180 5.64 -2.02 -16.74
C PHE A 180 6.21 -2.16 -18.16
N GLU A 181 7.36 -1.55 -18.40
CA GLU A 181 7.93 -1.62 -19.76
C GLU A 181 8.31 -3.07 -20.10
N ARG A 182 8.89 -3.77 -19.13
CA ARG A 182 9.21 -5.27 -19.32
C ARG A 182 7.96 -6.12 -19.61
N LEU A 183 6.86 -5.79 -18.94
CA LEU A 183 5.64 -6.54 -19.12
C LEU A 183 5.12 -6.32 -20.56
N ASN A 184 5.05 -5.04 -20.97
CA ASN A 184 4.56 -4.76 -22.31
C ASN A 184 5.40 -5.39 -23.42
N LYS A 185 6.74 -5.39 -23.20
CA LYS A 185 7.66 -6.06 -24.12
C LYS A 185 7.43 -7.56 -24.19
N TYR A 186 7.30 -8.21 -23.03
CA TYR A 186 6.98 -9.66 -22.94
C TYR A 186 5.64 -9.95 -23.67
N ALA A 187 4.63 -9.11 -23.40
CA ALA A 187 3.30 -9.37 -23.98
C ALA A 187 3.34 -9.26 -25.48
N LEU A 188 3.95 -8.21 -26.00
CA LEU A 188 4.05 -8.14 -27.48
C LEU A 188 4.76 -9.31 -28.10
N GLU A 189 5.85 -9.77 -27.47
CA GLU A 189 6.59 -10.91 -28.01
C GLU A 189 5.74 -12.15 -28.10
N HIS A 190 4.77 -12.30 -27.17
CA HIS A 190 3.94 -13.48 -27.09
C HIS A 190 2.56 -13.22 -27.71
N ASN A 191 2.41 -12.05 -28.36
CA ASN A 191 1.07 -11.61 -28.88
C ASN A 191 -0.05 -11.73 -27.85
N GLU A 192 0.27 -11.35 -26.60
CA GLU A 192 -0.74 -11.27 -25.55
C GLU A 192 -1.09 -9.80 -25.31
N LYS A 193 -2.22 -9.54 -24.63
CA LYS A 193 -2.71 -8.15 -24.52
C LYS A 193 -1.66 -7.29 -23.75
N THR A 194 -1.43 -6.06 -24.20
CA THR A 194 -0.52 -5.10 -23.53
C THR A 194 -1.39 -4.14 -22.69
N PHE A 195 -0.76 -3.20 -22.03
CA PHE A 195 -1.44 -2.26 -21.15
C PHE A 195 -1.12 -0.87 -21.60
N ALA A 196 -2.13 0.02 -21.57
CA ALA A 196 -1.97 1.39 -22.01
C ALA A 196 -1.15 2.23 -21.01
N ASN A 197 -1.20 1.95 -19.70
CA ASN A 197 -0.42 2.74 -18.74
C ASN A 197 -0.23 1.87 -17.47
N PRO A 198 0.68 2.31 -16.60
CA PRO A 198 0.97 1.48 -15.42
C PRO A 198 -0.26 1.31 -14.52
N ARG A 199 -1.11 2.33 -14.43
CA ARG A 199 -2.32 2.19 -13.56
C ARG A 199 -3.16 0.96 -14.01
N ASN A 200 -3.45 0.89 -15.30
CA ASN A 200 -4.22 -0.24 -15.84
C ASN A 200 -3.48 -1.55 -15.75
N ALA A 201 -2.16 -1.54 -15.96
CA ALA A 201 -1.34 -2.77 -15.71
C ALA A 201 -1.48 -3.32 -14.25
N ALA A 202 -1.53 -2.41 -13.27
CA ALA A 202 -1.65 -2.81 -11.85
C ALA A 202 -3.05 -3.34 -11.64
N ALA A 203 -4.07 -2.59 -12.13
CA ALA A 203 -5.45 -3.10 -11.96
C ALA A 203 -5.66 -4.43 -12.68
N GLY A 204 -5.14 -4.57 -13.89
CA GLY A 204 -5.40 -5.80 -14.67
C GLY A 204 -4.66 -6.97 -14.03
N SER A 205 -3.42 -6.72 -13.57
CA SER A 205 -2.66 -7.78 -12.85
C SER A 205 -3.36 -8.28 -11.57
N LEU A 206 -4.01 -7.40 -10.83
CA LEU A 206 -4.69 -7.78 -9.57
C LEU A 206 -6.00 -8.55 -9.87
N ARG A 207 -6.45 -8.49 -11.12
CA ARG A 207 -7.65 -9.29 -11.51
C ARG A 207 -7.25 -10.47 -12.38
N GLN A 208 -5.98 -10.85 -12.25
CA GLN A 208 -5.50 -12.05 -12.95
C GLN A 208 -5.97 -13.26 -12.14
N LEU A 209 -6.65 -14.21 -12.76
CA LEU A 209 -7.16 -15.36 -11.99
C LEU A 209 -6.03 -16.30 -11.49
N ASP A 210 -4.93 -16.35 -12.20
CA ASP A 210 -3.88 -17.35 -11.89
C ASP A 210 -2.73 -16.65 -11.11
N PRO A 211 -2.55 -17.00 -9.82
CA PRO A 211 -1.61 -16.17 -9.07
C PRO A 211 -0.17 -16.50 -9.50
N ASN A 212 0.02 -17.57 -10.27
CA ASN A 212 1.35 -17.84 -10.88
C ASN A 212 1.71 -16.75 -11.94
N ILE A 213 0.70 -16.25 -12.61
CA ILE A 213 0.87 -15.13 -13.53
C ILE A 213 1.06 -13.82 -12.71
N THR A 214 0.25 -13.61 -11.68
CA THR A 214 0.32 -12.37 -10.90
C THR A 214 1.68 -12.24 -10.26
N SER A 215 2.30 -13.37 -9.89
CA SER A 215 3.58 -13.30 -9.16
C SER A 215 4.64 -12.75 -10.07
N LYS A 216 4.47 -13.04 -11.37
CA LYS A 216 5.38 -12.50 -12.39
C LYS A 216 5.15 -11.02 -12.76
N ARG A 217 4.11 -10.43 -12.22
CA ARG A 217 3.80 -9.01 -12.40
C ARG A 217 4.47 -8.19 -11.30
N PRO A 218 5.27 -7.19 -11.70
CA PRO A 218 6.11 -6.53 -10.68
C PRO A 218 5.32 -5.41 -9.91
N LEU A 219 4.43 -5.86 -9.03
CA LEU A 219 3.57 -5.01 -8.21
C LEU A 219 4.19 -4.69 -6.91
N VAL A 220 3.85 -3.49 -6.43
CA VAL A 220 4.39 -2.91 -5.20
C VAL A 220 3.21 -2.30 -4.41
N LEU A 221 3.12 -2.59 -3.10
CA LEU A 221 2.17 -1.91 -2.24
C LEU A 221 2.76 -0.65 -1.66
N ASN A 222 2.00 0.47 -1.57
CA ASN A 222 2.41 1.56 -0.60
C ASN A 222 1.17 1.78 0.25
N ALA A 223 1.27 1.53 1.57
CA ALA A 223 0.13 1.75 2.50
C ALA A 223 -0.19 3.25 2.74
N TYR A 224 -1.48 3.58 2.85
CA TYR A 224 -1.88 4.94 3.17
C TYR A 224 -2.67 5.01 4.46
N GLY A 225 -3.07 3.90 5.04
CA GLY A 225 -3.85 4.01 6.27
C GLY A 225 -4.29 2.69 6.84
N ILE A 226 -5.19 2.79 7.82
CA ILE A 226 -5.60 1.65 8.66
C ILE A 226 -7.14 1.71 8.83
N GLY A 227 -7.80 0.56 8.67
CA GLY A 227 -9.24 0.45 9.02
C GLY A 227 -9.35 -0.24 10.39
N ILE A 228 -9.85 -1.48 10.35
CA ILE A 228 -9.98 -2.35 11.55
C ILE A 228 -8.65 -2.34 12.31
N ALA A 229 -8.73 -2.19 13.63
CA ALA A 229 -7.55 -2.13 14.41
C ALA A 229 -7.98 -2.55 15.83
N GLU A 230 -7.82 -3.83 16.11
CA GLU A 230 -8.33 -4.43 17.40
C GLU A 230 -7.14 -4.93 18.19
N GLY A 231 -7.15 -4.66 19.50
CA GLY A 231 -6.03 -5.06 20.34
C GLY A 231 -4.77 -4.27 20.09
N VAL A 232 -4.92 -2.98 19.81
CA VAL A 232 -3.77 -2.14 19.58
C VAL A 232 -4.16 -0.69 19.94
N ASP A 233 -3.29 0.03 20.63
CA ASP A 233 -3.54 1.48 20.80
C ASP A 233 -2.74 2.18 19.70
N LEU A 234 -3.45 2.68 18.70
CA LEU A 234 -2.75 3.31 17.57
C LEU A 234 -2.25 4.70 17.94
N PRO A 235 -1.11 5.15 17.33
CA PRO A 235 -0.66 6.53 17.56
C PRO A 235 -1.80 7.51 17.23
N THR A 236 -1.69 8.68 17.78
CA THR A 236 -2.73 9.69 17.69
C THR A 236 -2.64 10.72 16.49
N THR A 237 -1.67 10.51 15.61
CA THR A 237 -1.53 11.30 14.39
C THR A 237 -1.38 10.31 13.20
N HIS A 238 -1.80 10.76 12.01
CA HIS A 238 -1.72 9.87 10.87
C HIS A 238 -0.26 9.56 10.49
N TYR A 239 0.64 10.54 10.55
CA TYR A 239 1.99 10.30 10.14
C TYR A 239 2.67 9.32 11.10
N ALA A 240 2.36 9.43 12.41
CA ALA A 240 2.96 8.46 13.36
C ALA A 240 2.37 7.07 13.13
N ARG A 241 1.10 7.00 12.74
CA ARG A 241 0.49 5.70 12.39
C ARG A 241 1.28 5.05 11.19
N LEU A 242 1.56 5.87 10.16
CA LEU A 242 2.35 5.40 9.02
C LEU A 242 3.75 4.93 9.45
N GLN A 243 4.42 5.69 10.33
CA GLN A 243 5.76 5.27 10.82
C GLN A 243 5.65 3.95 11.59
N TRP A 244 4.57 3.83 12.36
CA TRP A 244 4.27 2.57 13.05
C TRP A 244 4.03 1.39 12.09
N LEU A 245 3.27 1.60 11.01
CA LEU A 245 3.09 0.57 10.00
C LEU A 245 4.48 0.14 9.46
N LYS A 246 5.32 1.11 9.14
CA LYS A 246 6.68 0.83 8.64
C LYS A 246 7.48 -0.03 9.65
N SER A 247 7.40 0.38 10.91
CA SER A 247 8.06 -0.35 12.02
C SER A 247 7.65 -1.80 12.14
N ILE A 248 6.44 -2.19 11.70
CA ILE A 248 6.00 -3.59 11.74
C ILE A 248 6.03 -4.27 10.36
N GLY A 249 6.73 -3.67 9.41
CA GLY A 249 7.10 -4.34 8.17
C GLY A 249 6.16 -4.04 7.00
N ILE A 250 5.35 -2.97 7.13
CA ILE A 250 4.43 -2.63 6.04
C ILE A 250 5.03 -1.47 5.21
N PRO A 251 5.04 -1.61 3.86
CA PRO A 251 5.68 -0.55 3.05
C PRO A 251 4.87 0.76 2.93
N VAL A 252 5.52 1.88 3.07
CA VAL A 252 4.89 3.20 3.00
C VAL A 252 5.74 4.06 2.06
N ASN A 253 5.15 4.99 1.30
CA ASN A 253 5.93 5.80 0.41
C ASN A 253 6.89 6.76 1.14
N PRO A 254 8.15 6.81 0.70
CA PRO A 254 9.15 7.66 1.39
C PRO A 254 9.01 9.16 1.15
N GLU A 255 8.21 9.56 0.16
CA GLU A 255 7.98 11.00 -0.08
C GLU A 255 6.91 11.62 0.83
N ILE A 256 6.31 10.87 1.77
CA ILE A 256 5.24 11.49 2.59
C ILE A 256 5.93 12.49 3.54
N ARG A 257 5.27 13.61 3.80
CA ARG A 257 5.87 14.70 4.61
C ARG A 257 4.83 15.31 5.47
N LEU A 258 5.24 15.75 6.66
CA LEU A 258 4.38 16.67 7.41
C LEU A 258 4.59 18.14 6.97
N CYS A 259 3.51 18.90 6.75
CA CYS A 259 3.59 20.28 6.31
C CYS A 259 2.73 21.15 7.22
N ASN A 260 3.27 22.29 7.61
CA ASN A 260 2.50 23.20 8.44
C ASN A 260 1.89 24.36 7.66
N GLY A 261 0.56 24.41 7.55
CA GLY A 261 -0.13 25.52 6.92
C GLY A 261 -0.31 25.32 5.43
N ALA A 262 -1.27 26.06 4.88
CA ALA A 262 -1.67 25.93 3.48
C ALA A 262 -0.50 26.11 2.54
N ASP A 263 0.37 27.07 2.86
CA ASP A 263 1.43 27.40 1.93
C ASP A 263 2.49 26.32 1.88
N GLU A 264 2.80 25.73 3.03
CA GLU A 264 3.77 24.64 2.95
C GLU A 264 3.16 23.47 2.22
N VAL A 265 1.85 23.24 2.40
CA VAL A 265 1.20 22.13 1.71
C VAL A 265 1.25 22.39 0.21
N LEU A 266 1.04 23.62 -0.26
CA LEU A 266 1.18 23.87 -1.74
C LEU A 266 2.59 23.67 -2.21
N GLY A 267 3.58 23.97 -1.37
CA GLY A 267 4.96 23.67 -1.65
C GLY A 267 5.14 22.19 -1.91
N PHE A 268 4.58 21.33 -1.03
CA PHE A 268 4.60 19.89 -1.22
C PHE A 268 3.95 19.45 -2.56
N TYR A 269 2.75 19.96 -2.83
CA TYR A 269 2.04 19.63 -4.03
C TYR A 269 2.93 19.97 -5.26
N ARG A 270 3.48 21.17 -5.31
CA ARG A 270 4.26 21.58 -6.49
C ARG A 270 5.55 20.71 -6.63
N ASP A 271 6.17 20.38 -5.49
CA ASP A 271 7.35 19.53 -5.49
C ASP A 271 7.04 18.11 -6.02
N ILE A 272 5.95 17.51 -5.54
CA ILE A 272 5.65 16.14 -5.99
C ILE A 272 5.19 16.23 -7.45
N GLN A 273 4.52 17.33 -7.80
CA GLN A 273 4.07 17.46 -9.21
C GLN A 273 5.27 17.44 -10.17
N ASN A 274 6.35 18.08 -9.75
CA ASN A 274 7.58 18.12 -10.53
C ASN A 274 8.18 16.74 -10.63
N LYS A 275 7.94 15.90 -9.59
CA LYS A 275 8.49 14.52 -9.47
C LYS A 275 7.44 13.45 -9.92
N ARG A 276 6.38 13.85 -10.67
CA ARG A 276 5.22 12.95 -10.84
C ARG A 276 5.58 11.66 -11.60
N SER A 277 6.64 11.72 -12.42
CA SER A 277 7.13 10.46 -12.93
C SER A 277 8.63 10.41 -12.94
N SER A 278 9.33 11.21 -12.17
CA SER A 278 10.80 11.04 -12.17
C SER A 278 11.28 10.10 -11.10
N LEU A 279 10.37 9.58 -10.30
CA LEU A 279 10.80 8.67 -9.19
C LEU A 279 10.70 7.19 -9.59
N GLY A 280 10.33 6.95 -10.86
CA GLY A 280 10.29 5.58 -11.37
C GLY A 280 8.94 4.95 -11.35
N TYR A 281 7.91 5.74 -11.03
CA TYR A 281 6.50 5.22 -11.07
C TYR A 281 5.60 6.44 -11.16
N ASP A 282 4.32 6.23 -11.53
CA ASP A 282 3.40 7.30 -11.73
C ASP A 282 2.67 7.70 -10.45
N ILE A 283 2.66 9.00 -10.20
CA ILE A 283 1.87 9.62 -9.09
C ILE A 283 0.83 10.49 -9.78
N ASP A 284 -0.44 10.22 -9.47
CA ASP A 284 -1.65 10.86 -10.00
C ASP A 284 -1.92 12.28 -9.42
N GLY A 285 -1.44 12.53 -8.20
CA GLY A 285 -1.73 13.78 -7.44
C GLY A 285 -1.20 13.58 -6.05
N THR A 286 -1.84 14.26 -5.11
CA THR A 286 -1.44 14.17 -3.70
C THR A 286 -2.72 13.97 -2.88
N VAL A 287 -2.57 13.34 -1.71
CA VAL A 287 -3.68 13.27 -0.76
C VAL A 287 -3.22 14.04 0.48
N LEU A 288 -3.98 15.07 0.84
CA LEU A 288 -3.53 16.06 1.83
C LEU A 288 -4.49 15.86 2.98
N LYS A 289 -3.93 15.50 4.15
CA LYS A 289 -4.78 15.06 5.29
C LYS A 289 -4.46 15.84 6.52
N ILE A 290 -5.49 16.27 7.27
CA ILE A 290 -5.22 16.73 8.66
C ILE A 290 -4.47 15.64 9.42
N ASN A 291 -3.34 15.96 10.06
CA ASN A 291 -2.54 14.91 10.68
C ASN A 291 -3.11 14.43 12.02
N ASP A 292 -3.71 15.35 12.75
CA ASP A 292 -4.20 14.97 14.08
C ASP A 292 -5.51 14.20 14.00
N ILE A 293 -5.56 12.98 14.57
CA ILE A 293 -6.73 12.12 14.40
C ILE A 293 -7.95 12.74 15.14
N ALA A 294 -7.74 13.29 16.34
CA ALA A 294 -8.87 13.93 17.07
C ALA A 294 -9.47 15.07 16.26
N LEU A 295 -8.65 15.82 15.55
CA LEU A 295 -9.22 16.89 14.66
C LEU A 295 -9.98 16.28 13.46
N GLN A 296 -9.42 15.22 12.88
CA GLN A 296 -10.17 14.48 11.84
C GLN A 296 -11.54 14.06 12.34
N ASN A 297 -11.59 13.48 13.55
CA ASN A 297 -12.86 12.97 14.08
C ASN A 297 -13.86 14.14 14.30
N GLU A 298 -13.34 15.24 14.85
CA GLU A 298 -14.17 16.47 15.03
C GLU A 298 -14.74 16.96 13.70
N LEU A 299 -13.86 17.07 12.68
CA LEU A 299 -14.27 17.52 11.36
C LEU A 299 -15.28 16.61 10.64
N GLY A 300 -15.15 15.28 10.80
CA GLY A 300 -16.16 14.36 10.25
C GLY A 300 -16.19 14.30 8.74
N PHE A 301 -17.36 13.96 8.21
CA PHE A 301 -17.54 13.78 6.80
C PHE A 301 -18.92 14.34 6.36
N ILE A 302 -19.07 14.58 5.05
CA ILE A 302 -20.36 15.00 4.48
C ILE A 302 -20.43 14.41 3.07
N SER A 303 -21.59 13.90 2.69
CA SER A 303 -21.71 13.38 1.32
C SER A 303 -20.64 12.31 1.10
N LYS A 304 -20.48 11.42 2.07
CA LYS A 304 -19.57 10.27 1.89
C LYS A 304 -18.03 10.59 1.96
N ALA A 305 -17.64 11.84 2.17
CA ALA A 305 -16.22 12.24 2.05
C ALA A 305 -15.78 13.02 3.30
N PRO A 306 -14.52 12.80 3.74
CA PRO A 306 -14.07 13.47 4.92
C PRO A 306 -13.92 14.97 4.69
N ARG A 307 -14.24 15.76 5.72
CA ARG A 307 -13.92 17.19 5.65
C ARG A 307 -12.42 17.43 5.87
N TRP A 308 -11.70 16.37 6.31
CA TRP A 308 -10.35 16.58 6.76
C TRP A 308 -9.30 16.13 5.73
N ALA A 309 -9.73 15.75 4.50
CA ALA A 309 -8.74 15.37 3.45
C ALA A 309 -9.27 15.78 2.11
N ILE A 310 -8.32 15.99 1.21
CA ILE A 310 -8.67 16.24 -0.16
C ILE A 310 -7.60 15.59 -1.08
N ALA A 311 -7.99 15.12 -2.28
CA ALA A 311 -7.00 14.70 -3.28
C ALA A 311 -6.79 15.89 -4.22
N TYR A 312 -5.63 16.51 -4.16
CA TYR A 312 -5.35 17.59 -5.12
C TYR A 312 -4.60 16.89 -6.27
N LYS A 313 -5.33 16.74 -7.38
CA LYS A 313 -4.95 15.95 -8.53
C LYS A 313 -4.06 16.77 -9.45
N PHE A 314 -3.10 16.11 -10.11
CA PHE A 314 -2.33 16.81 -11.14
C PHE A 314 -3.15 16.78 -12.39
N PRO A 315 -2.80 17.65 -13.37
CA PRO A 315 -3.41 17.43 -14.74
C PRO A 315 -3.16 16.02 -15.30
N ALA A 316 -4.06 15.49 -16.15
CA ALA A 316 -3.86 14.16 -16.68
C ALA A 316 -2.61 14.15 -17.57
N GLN A 317 -1.99 12.98 -17.79
CA GLN A 317 -0.74 12.93 -18.56
C GLN A 317 -0.95 13.48 -19.97
N GLU A 318 -2.14 13.27 -20.51
CA GLU A 318 -2.40 13.73 -21.87
C GLU A 318 -2.51 15.29 -22.00
N GLU A 319 -2.59 16.03 -20.91
CA GLU A 319 -2.64 17.47 -20.95
C GLU A 319 -1.23 18.07 -20.91
N LEU A 320 -0.24 17.19 -20.71
CA LEU A 320 1.13 17.64 -20.59
C LEU A 320 1.70 17.62 -22.04
N THR A 321 2.01 18.78 -22.57
CA THR A 321 2.44 18.94 -23.95
C THR A 321 3.45 20.10 -24.03
N LEU A 322 4.14 20.27 -25.17
CA LEU A 322 5.02 21.40 -25.47
C LEU A 322 4.31 22.77 -25.33
#